data_7XMW
#
_entry.id   7XMW
#
_cell.length_a   123.377
_cell.length_b   123.377
_cell.length_c   123.377
_cell.angle_alpha   90.000
_cell.angle_beta   90.000
_cell.angle_gamma   90.000
#
_symmetry.space_group_name_H-M   'P 4 3 2'
#
loop_
_entity.id
_entity.type
_entity.pdbx_description
1 polymer AcrVIA2
2 non-polymer 2-{2-[2-(2-{2-[2-(2-ETHOXY-ETHOXY)-ETHOXY]-ETHOXY}-ETHOXY)-ETHOXY]-ETHOXY}-ETHANOL
3 non-polymer 'ZINC ION'
4 non-polymer 'SELENIUM ATOM'
#
_entity_poly.entity_id   1
_entity_poly.type   'polypeptide(L)'
_entity_poly.pdbx_seq_one_letter_code
;HHHHHAMWKCKKCGCDRFYQDITGGISEVLEMDKDGEVLDEIDDVEYGDFSCAKCDNSSSKIQEIAYWDEIN
;
_entity_poly.pdbx_strand_id   A,B
#
loop_
_chem_comp.id
_chem_comp.type
_chem_comp.name
_chem_comp.formula
PE4 non-polymer 2-{2-[2-(2-{2-[2-(2-ETHOXY-ETHOXY)-ETHOXY]-ETHOXY}-ETHOXY)-ETHOXY]-ETHOXY}-ETHANOL 'C16 H34 O8'
SE non-polymer 'SELENIUM ATOM' Se
ZN non-polymer 'ZINC ION' 'Zn 2'
#
# COMPACT_ATOMS: atom_id res chain seq x y z
N HIS A 2 -7.41 25.23 -2.58
CA HIS A 2 -6.60 24.35 -1.68
C HIS A 2 -5.48 23.64 -2.45
N HIS A 3 -5.48 23.82 -3.76
CA HIS A 3 -4.44 23.28 -4.62
C HIS A 3 -3.89 24.41 -5.46
N HIS A 4 -2.91 24.10 -6.29
CA HIS A 4 -2.26 25.07 -7.17
C HIS A 4 -1.76 26.30 -6.43
N HIS A 5 -1.74 26.28 -5.10
CA HIS A 5 -1.18 27.38 -4.31
C HIS A 5 0.34 27.47 -4.45
N ALA A 6 1.03 26.38 -4.76
CA ALA A 6 2.48 26.47 -4.86
C ALA A 6 3.07 25.08 -5.02
N MET A 7 4.38 24.93 -4.77
CA MET A 7 5.06 23.70 -5.15
C MET A 7 6.35 23.56 -4.37
N TRP A 8 6.65 22.33 -3.96
CA TRP A 8 7.96 21.98 -3.44
C TRP A 8 8.94 21.72 -4.57
N LYS A 9 10.20 22.04 -4.34
CA LYS A 9 11.23 21.81 -5.34
C LYS A 9 12.48 21.28 -4.67
N CYS A 10 13.10 20.28 -5.29
CA CYS A 10 14.31 19.69 -4.76
C CYS A 10 15.37 20.76 -4.60
N LYS A 11 16.03 20.76 -3.44
CA LYS A 11 17.10 21.72 -3.19
C LYS A 11 18.37 21.41 -3.97
N LYS A 12 18.41 20.30 -4.68
CA LYS A 12 19.59 19.94 -5.44
C LYS A 12 19.37 19.94 -6.95
N CYS A 13 18.16 19.63 -7.41
CA CYS A 13 17.95 19.47 -8.84
C CYS A 13 16.76 20.26 -9.37
N GLY A 14 15.95 20.87 -8.51
CA GLY A 14 14.81 21.62 -8.99
C GLY A 14 13.56 20.83 -9.37
N CYS A 15 13.55 19.50 -9.22
CA CYS A 15 12.36 18.72 -9.54
C CYS A 15 11.26 18.96 -8.50
N ASP A 16 10.02 19.07 -8.98
CA ASP A 16 8.85 19.29 -8.12
C ASP A 16 7.96 18.07 -8.00
N ARG A 17 8.42 16.91 -8.44
CA ARG A 17 7.67 15.66 -8.37
C ARG A 17 8.44 14.73 -7.44
N PHE A 18 7.78 14.31 -6.36
CA PHE A 18 8.42 13.53 -5.32
C PHE A 18 7.67 12.22 -5.11
N TYR A 19 8.43 11.20 -4.70
CA TYR A 19 7.91 9.91 -4.26
C TYR A 19 7.83 9.84 -2.74
N GLN A 20 7.17 8.80 -2.24
CA GLN A 20 7.20 8.49 -0.81
C GLN A 20 7.23 6.98 -0.64
N ASP A 21 8.33 6.46 -0.12
CA ASP A 21 8.49 5.03 0.06
C ASP A 21 7.40 4.50 1.00
N ILE A 22 6.78 3.39 0.61
CA ILE A 22 5.88 2.63 1.47
C ILE A 22 6.71 1.62 2.24
N THR A 23 6.74 1.78 3.55
CA THR A 23 7.61 0.97 4.39
C THR A 23 7.01 -0.40 4.64
N GLY A 24 5.70 -0.45 4.88
CA GLY A 24 5.00 -1.70 5.11
C GLY A 24 3.51 -1.48 5.21
N GLY A 25 2.83 -2.28 6.02
CA GLY A 25 1.41 -2.15 6.22
C GLY A 25 0.76 -3.50 6.21
N ILE A 26 -0.57 -3.50 6.09
CA ILE A 26 -1.35 -4.72 6.18
C ILE A 26 -2.64 -4.57 5.39
N SER A 27 -3.07 -5.65 4.73
CA SER A 27 -4.30 -5.67 3.94
C SER A 27 -5.32 -6.58 4.60
N GLU A 28 -6.53 -6.07 4.82
CA GLU A 28 -7.63 -6.89 5.35
C GLU A 28 -8.40 -7.42 4.15
N VAL A 29 -8.18 -8.69 3.82
CA VAL A 29 -8.82 -9.27 2.66
C VAL A 29 -10.31 -9.47 2.94
N LEU A 30 -11.16 -8.76 2.20
CA LEU A 30 -12.60 -8.90 2.37
C LEU A 30 -13.24 -9.87 1.39
N GLU A 31 -12.67 -10.04 0.19
CA GLU A 31 -13.21 -11.01 -0.76
C GLU A 31 -12.10 -11.59 -1.63
N MET A 32 -12.20 -12.89 -1.91
CA MET A 32 -11.29 -13.58 -2.80
C MET A 32 -12.11 -14.51 -3.69
N ASP A 33 -11.51 -14.92 -4.80
CA ASP A 33 -12.13 -15.79 -5.79
C ASP A 33 -11.53 -17.19 -5.70
N LYS A 34 -12.18 -18.13 -6.40
CA LYS A 34 -11.72 -19.52 -6.36
C LYS A 34 -10.29 -19.65 -6.86
N ASP A 35 -9.87 -18.78 -7.80
CA ASP A 35 -8.50 -18.86 -8.30
C ASP A 35 -7.47 -18.31 -7.32
N GLY A 36 -7.91 -17.61 -6.28
CA GLY A 36 -6.99 -17.13 -5.28
C GLY A 36 -6.59 -15.68 -5.39
N GLU A 37 -7.40 -14.84 -6.04
CA GLU A 37 -7.06 -13.44 -6.24
C GLU A 37 -7.88 -12.61 -5.27
N VAL A 38 -7.26 -11.59 -4.71
CA VAL A 38 -7.96 -10.70 -3.82
C VAL A 38 -8.76 -9.73 -4.67
N LEU A 39 -10.06 -9.60 -4.37
CA LEU A 39 -10.96 -8.71 -5.10
C LEU A 39 -11.35 -7.45 -4.35
N ASP A 40 -11.52 -7.51 -3.03
CA ASP A 40 -11.85 -6.38 -2.17
C ASP A 40 -10.89 -6.43 -1.00
N GLU A 41 -10.41 -5.26 -0.56
CA GLU A 41 -9.46 -5.24 0.54
C GLU A 41 -9.50 -3.87 1.20
N ILE A 42 -8.91 -3.81 2.39
CA ILE A 42 -8.74 -2.58 3.15
C ILE A 42 -7.27 -2.51 3.55
N ASP A 43 -6.51 -1.64 2.89
CA ASP A 43 -5.09 -1.50 3.15
C ASP A 43 -4.82 -0.41 4.20
N ASP A 44 -3.71 -0.59 4.94
CA ASP A 44 -3.26 0.36 5.96
C ASP A 44 -1.75 0.48 5.75
N VAL A 45 -1.38 1.31 4.80
CA VAL A 45 0.02 1.38 4.39
C VAL A 45 0.73 2.34 5.31
N GLU A 46 1.98 2.02 5.61
CA GLU A 46 2.87 2.90 6.35
C GLU A 46 3.75 3.65 5.36
N TYR A 47 3.79 4.97 5.47
CA TYR A 47 4.55 5.78 4.56
C TYR A 47 5.91 6.13 5.16
N GLY A 48 6.89 6.34 4.28
CA GLY A 48 8.25 6.54 4.70
C GLY A 48 8.89 7.79 4.11
N ASP A 49 10.17 7.65 3.82
CA ASP A 49 10.96 8.79 3.39
C ASP A 49 10.50 9.29 2.03
N PHE A 50 10.51 10.61 1.88
CA PHE A 50 10.28 11.25 0.58
C PHE A 50 11.52 11.14 -0.29
N SER A 51 11.31 11.19 -1.61
CA SER A 51 12.41 11.08 -2.56
C SER A 51 12.11 11.93 -3.79
N CYS A 52 13.18 12.30 -4.51
CA CYS A 52 13.10 13.18 -5.69
C CYS A 52 13.11 12.29 -6.93
N ALA A 53 12.22 12.59 -7.86
CA ALA A 53 12.07 11.67 -8.98
C ALA A 53 13.24 11.76 -9.94
N LYS A 54 14.01 12.85 -9.90
CA LYS A 54 15.09 13.06 -10.84
C LYS A 54 16.45 12.68 -10.28
N CYS A 55 16.73 13.05 -9.04
CA CYS A 55 18.05 12.84 -8.48
C CYS A 55 18.06 11.85 -7.33
N ASP A 56 16.91 11.49 -6.78
CA ASP A 56 16.79 10.55 -5.67
C ASP A 56 17.18 11.13 -4.31
N ASN A 57 17.29 12.45 -4.19
CA ASN A 57 17.56 13.08 -2.91
C ASN A 57 16.41 12.78 -1.95
N SER A 58 16.70 12.08 -0.85
CA SER A 58 15.67 11.56 0.04
C SER A 58 15.92 11.94 1.49
N SER A 59 14.82 12.07 2.22
CA SER A 59 14.86 12.32 3.64
C SER A 59 13.48 12.07 4.20
N SER A 60 13.42 11.93 5.53
CA SER A 60 12.15 11.73 6.20
C SER A 60 11.27 12.97 6.10
N LYS A 61 11.87 14.16 6.07
CA LYS A 61 11.12 15.41 5.99
C LYS A 61 11.39 16.08 4.65
N ILE A 62 10.33 16.49 3.96
CA ILE A 62 10.50 17.17 2.68
C ILE A 62 11.29 18.45 2.85
N GLN A 63 11.26 19.03 4.04
CA GLN A 63 11.87 20.34 4.20
C GLN A 63 13.36 20.29 3.92
N GLU A 64 14.02 19.24 4.41
CA GLU A 64 15.46 19.17 4.21
C GLU A 64 15.81 19.06 2.74
N ILE A 65 14.99 18.36 1.95
CA ILE A 65 15.34 18.05 0.58
C ILE A 65 14.68 18.98 -0.43
N ALA A 66 13.83 19.91 0.02
CA ALA A 66 13.01 20.69 -0.91
C ALA A 66 12.67 22.04 -0.31
N TYR A 67 12.32 22.99 -1.18
CA TYR A 67 11.88 24.32 -0.78
C TYR A 67 10.53 24.61 -1.43
N TRP A 68 9.78 25.53 -0.81
CA TRP A 68 8.42 25.88 -1.20
C TRP A 68 8.48 27.13 -2.05
N ASP A 69 8.11 26.99 -3.32
CA ASP A 69 8.09 28.08 -4.28
C ASP A 69 6.61 28.43 -4.48
N GLU A 70 6.22 29.62 -4.04
CA GLU A 70 4.84 30.04 -4.16
C GLU A 70 4.55 30.58 -5.56
N ILE A 71 3.33 30.38 -6.03
CA ILE A 71 2.94 30.83 -7.35
C ILE A 71 2.21 32.17 -7.28
N HIS B 1 -20.00 -12.32 -10.78
CA HIS B 1 -19.11 -11.34 -10.12
C HIS B 1 -17.95 -12.06 -9.43
N HIS B 2 -18.20 -13.29 -8.98
CA HIS B 2 -17.27 -14.12 -8.22
C HIS B 2 -17.18 -13.71 -6.75
N HIS B 3 -18.00 -12.76 -6.31
CA HIS B 3 -17.95 -12.18 -4.97
C HIS B 3 -18.77 -13.00 -3.96
N HIS B 4 -19.40 -14.08 -4.37
CA HIS B 4 -20.09 -14.93 -3.42
C HIS B 4 -19.95 -16.38 -3.88
N HIS B 5 -18.97 -16.67 -4.75
CA HIS B 5 -18.80 -18.05 -5.21
C HIS B 5 -18.56 -18.98 -4.03
N ALA B 6 -17.76 -18.53 -3.06
CA ALA B 6 -17.51 -19.29 -1.85
C ALA B 6 -16.51 -18.57 -0.95
N MET B 7 -15.73 -19.33 -0.17
CA MET B 7 -14.89 -18.76 0.87
C MET B 7 -13.67 -19.65 1.07
N TRP B 8 -12.56 -19.00 1.35
CA TRP B 8 -11.37 -19.70 1.78
C TRP B 8 -11.42 -19.93 3.29
N LYS B 9 -10.88 -21.07 3.71
CA LYS B 9 -10.88 -21.43 5.12
C LYS B 9 -9.53 -22.02 5.52
N CYS B 10 -8.96 -21.49 6.59
CA CYS B 10 -7.67 -21.93 7.10
C CYS B 10 -7.70 -23.44 7.31
N LYS B 11 -6.63 -24.12 6.90
CA LYS B 11 -6.57 -25.57 7.09
C LYS B 11 -6.22 -25.97 8.51
N LYS B 12 -6.07 -25.01 9.43
CA LYS B 12 -5.80 -25.28 10.83
C LYS B 12 -6.87 -24.69 11.73
N CYS B 13 -7.21 -23.40 11.52
CA CYS B 13 -8.26 -22.76 12.31
C CYS B 13 -9.66 -23.15 11.87
N GLY B 14 -9.87 -23.19 10.55
CA GLY B 14 -11.18 -22.98 9.96
C GLY B 14 -11.59 -21.52 9.76
N CYS B 15 -10.72 -20.57 10.06
CA CYS B 15 -11.08 -19.18 9.89
C CYS B 15 -11.15 -18.80 8.41
N ASP B 16 -12.06 -17.90 8.09
CA ASP B 16 -12.27 -17.43 6.73
C ASP B 16 -11.73 -16.00 6.49
N ARG B 17 -11.17 -15.32 7.51
CA ARG B 17 -10.67 -13.94 7.39
C ARG B 17 -9.15 -13.96 7.38
N PHE B 18 -8.56 -13.47 6.32
CA PHE B 18 -7.12 -13.48 6.15
C PHE B 18 -6.62 -12.07 5.99
N TYR B 19 -5.36 -11.85 6.39
CA TYR B 19 -4.57 -10.66 6.10
C TYR B 19 -3.62 -10.94 4.94
N GLN B 20 -3.09 -9.86 4.34
CA GLN B 20 -2.01 -9.96 3.36
C GLN B 20 -0.97 -8.89 3.70
N ASP B 21 0.25 -9.33 3.99
CA ASP B 21 1.31 -8.40 4.35
C ASP B 21 1.58 -7.44 3.19
N ILE B 22 2.07 -6.24 3.52
CA ILE B 22 2.45 -5.24 2.55
C ILE B 22 3.96 -5.13 2.61
N THR B 23 4.64 -5.78 1.66
CA THR B 23 6.09 -5.70 1.63
C THR B 23 6.53 -4.28 1.40
N GLY B 24 5.69 -3.49 0.73
CA GLY B 24 5.98 -2.10 0.48
C GLY B 24 6.33 -1.82 -0.96
N GLY B 25 5.82 -0.75 -1.57
CA GLY B 25 6.17 -0.42 -2.96
C GLY B 25 6.69 1.01 -3.07
N ILE B 26 6.16 1.83 -3.98
CA ILE B 26 6.36 3.29 -3.95
C ILE B 26 5.04 4.11 -4.21
N SER B 27 4.89 5.25 -3.50
CA SER B 27 3.78 6.20 -3.71
C SER B 27 4.22 7.37 -4.57
N GLU B 28 3.27 8.02 -5.25
CA GLU B 28 3.59 9.13 -6.15
C GLU B 28 2.83 10.36 -5.69
N VAL B 29 3.48 11.19 -4.89
CA VAL B 29 2.82 12.39 -4.39
C VAL B 29 2.45 13.26 -5.56
N LEU B 30 1.20 13.75 -5.57
CA LEU B 30 0.73 14.69 -6.58
C LEU B 30 0.29 16.04 -6.04
N GLU B 31 0.01 16.14 -4.75
CA GLU B 31 -0.32 17.43 -4.14
C GLU B 31 0.16 17.41 -2.70
N MET B 32 1.05 18.34 -2.36
CA MET B 32 1.58 18.50 -1.01
C MET B 32 1.36 19.95 -0.57
N ASP B 33 1.14 20.13 0.73
CA ASP B 33 0.83 21.44 1.28
C ASP B 33 2.08 22.16 1.76
N LYS B 34 1.97 23.50 1.83
CA LYS B 34 3.01 24.32 2.44
C LYS B 34 3.42 23.80 3.82
N ASP B 35 2.57 23.05 4.50
CA ASP B 35 2.94 22.43 5.77
C ASP B 35 3.67 21.10 5.58
N GLY B 36 3.69 20.56 4.38
CA GLY B 36 4.39 19.31 4.14
C GLY B 36 3.52 18.08 4.21
N GLU B 37 2.23 18.23 3.96
CA GLU B 37 1.27 17.14 4.06
C GLU B 37 0.83 16.72 2.67
N VAL B 38 0.73 15.40 2.47
CA VAL B 38 0.30 14.84 1.19
C VAL B 38 -1.22 14.86 1.09
N LEU B 39 -1.73 15.28 -0.06
CA LEU B 39 -3.17 15.36 -0.32
C LEU B 39 -3.63 14.32 -1.30
N ASP B 40 -3.06 14.31 -2.50
CA ASP B 40 -3.33 13.35 -3.55
C ASP B 40 -2.11 12.44 -3.70
N GLU B 41 -2.34 11.13 -3.83
CA GLU B 41 -1.26 10.17 -3.90
C GLU B 41 -1.69 8.97 -4.72
N ILE B 42 -0.75 8.39 -5.45
CA ILE B 42 -0.97 7.18 -6.24
C ILE B 42 0.00 6.12 -5.74
N ASP B 43 -0.48 5.18 -4.95
CA ASP B 43 0.35 4.17 -4.33
C ASP B 43 0.48 2.94 -5.21
N ASP B 44 1.67 2.35 -5.22
CA ASP B 44 1.95 1.12 -5.98
C ASP B 44 2.44 0.09 -4.98
N VAL B 45 1.51 -0.50 -4.22
CA VAL B 45 1.91 -1.39 -3.14
C VAL B 45 2.32 -2.75 -3.70
N GLU B 46 3.30 -3.36 -3.06
CA GLU B 46 3.72 -4.73 -3.36
C GLU B 46 3.26 -5.60 -2.21
N TYR B 47 2.34 -6.52 -2.49
CA TYR B 47 1.76 -7.37 -1.47
C TYR B 47 2.60 -8.63 -1.27
N GLY B 48 2.56 -9.14 -0.03
CA GLY B 48 3.30 -10.34 0.32
C GLY B 48 2.49 -11.57 0.66
N ASP B 49 2.70 -12.10 1.86
CA ASP B 49 2.21 -13.41 2.24
C ASP B 49 0.90 -13.31 3.01
N PHE B 50 -0.01 -14.24 2.74
CA PHE B 50 -1.27 -14.34 3.47
C PHE B 50 -1.03 -14.92 4.85
N SER B 51 -1.84 -14.47 5.81
CA SER B 51 -1.77 -14.92 7.19
C SER B 51 -3.18 -15.03 7.73
N CYS B 52 -3.49 -16.19 8.32
CA CYS B 52 -4.80 -16.39 8.92
C CYS B 52 -4.98 -15.36 10.02
N ALA B 53 -6.22 -14.89 10.18
CA ALA B 53 -6.50 -13.88 11.19
C ALA B 53 -6.56 -14.46 12.60
N LYS B 54 -6.43 -15.77 12.76
CA LYS B 54 -6.38 -16.40 14.07
C LYS B 54 -5.11 -17.22 14.20
N CYS B 55 -5.00 -18.30 13.42
CA CYS B 55 -3.80 -19.13 13.44
C CYS B 55 -2.52 -18.30 13.34
N ASP B 56 -2.46 -17.41 12.36
CA ASP B 56 -1.25 -16.78 11.86
C ASP B 56 -0.61 -17.76 10.87
N ASN B 57 -1.32 -18.83 10.52
CA ASN B 57 -0.86 -19.72 9.47
C ASN B 57 -0.66 -18.89 8.21
N SER B 58 0.55 -18.93 7.66
CA SER B 58 0.97 -18.00 6.62
C SER B 58 1.72 -18.69 5.50
N SER B 59 1.62 -18.09 4.32
CA SER B 59 2.34 -18.57 3.16
C SER B 59 2.14 -17.52 2.08
N SER B 60 3.04 -17.53 1.11
CA SER B 60 2.84 -16.69 -0.08
C SER B 60 1.62 -17.11 -0.89
N LYS B 61 1.14 -18.33 -0.71
CA LYS B 61 0.02 -18.87 -1.48
C LYS B 61 -1.14 -19.17 -0.54
N ILE B 62 -2.30 -18.57 -0.79
CA ILE B 62 -3.47 -18.89 0.02
C ILE B 62 -3.78 -20.38 -0.08
N GLN B 63 -3.46 -20.98 -1.22
CA GLN B 63 -3.73 -22.40 -1.40
C GLN B 63 -2.93 -23.30 -0.46
N GLU B 64 -1.88 -22.79 0.18
CA GLU B 64 -1.08 -23.58 1.10
C GLU B 64 -1.55 -23.46 2.54
N ILE B 65 -2.27 -22.40 2.87
CA ILE B 65 -2.78 -22.25 4.22
C ILE B 65 -4.30 -22.43 4.30
N ALA B 66 -5.01 -22.45 3.17
CA ALA B 66 -6.46 -22.54 3.23
C ALA B 66 -7.01 -23.40 2.10
N TYR B 67 -8.30 -23.70 2.21
CA TYR B 67 -9.00 -24.43 1.17
C TYR B 67 -10.25 -23.68 0.76
N TRP B 68 -10.64 -23.88 -0.49
CA TRP B 68 -11.80 -23.22 -1.06
C TRP B 68 -13.02 -24.10 -0.81
N ASP B 69 -13.93 -23.62 0.04
CA ASP B 69 -15.25 -24.21 0.13
C ASP B 69 -16.07 -23.76 -1.08
N GLU B 70 -17.29 -24.26 -1.20
CA GLU B 70 -18.12 -23.94 -2.36
C GLU B 70 -19.52 -23.69 -1.87
N ILE B 71 -20.08 -22.53 -2.22
CA ILE B 71 -21.43 -22.21 -1.79
C ILE B 71 -22.48 -22.96 -2.60
N ASN B 72 -22.17 -23.29 -3.85
CA ASN B 72 -23.10 -24.06 -4.69
C ASN B 72 -24.46 -23.38 -4.79
O1 PE4 C . -16.23 -8.98 -10.59
C1 PE4 C . -15.91 -7.69 -11.02
C2 PE4 C . -15.24 -6.93 -9.88
O2 PE4 C . -15.65 -5.59 -9.93
C3 PE4 C . -14.89 -4.74 -9.13
C4 PE4 C . -15.02 -5.08 -7.63
O3 PE4 C . -14.21 -4.20 -6.90
C5 PE4 C . -14.21 -4.41 -5.51
C6 PE4 C . -13.36 -3.34 -4.82
O4 PE4 C . -12.00 -3.67 -4.87
C7 PE4 C . -11.24 -3.23 -3.78
C8 PE4 C . -10.99 -1.74 -3.97
O5 PE4 C . -11.88 -1.09 -3.12
C9 PE4 C . -11.40 -0.87 -1.82
C10 PE4 C . -12.49 -0.12 -1.04
O6 PE4 C . -12.71 -0.64 0.24
C11 PE4 C . -12.25 0.20 1.26
C12 PE4 C . -10.71 0.24 1.23
O7 PE4 C . -10.28 1.56 0.98
C13 PE4 C . -9.79 2.30 2.07
C14 PE4 C . -8.42 1.78 2.52
O8 PE4 C . -8.21 2.06 3.89
C15 PE4 C . -8.29 3.41 4.29
C16 PE4 C . -7.67 3.57 5.67
HO1 PE4 C . -16.90 -9.36 -11.14
H11 PE4 C . -16.82 -7.17 -11.31
H12 PE4 C . -15.23 -7.74 -11.86
H21 PE4 C . -14.16 -6.98 -9.99
H22 PE4 C . -15.52 -7.36 -8.93
H31 PE4 C . -15.24 -3.72 -9.27
H32 PE4 C . -13.85 -4.80 -9.42
H41 PE4 C . -14.68 -6.10 -7.47
H42 PE4 C . -16.05 -4.99 -7.33
H51 PE4 C . -13.80 -5.39 -5.30
H52 PE4 C . -15.23 -4.36 -5.14
H61 PE4 C . -13.67 -3.26 -3.78
H62 PE4 C . -13.52 -2.39 -5.32
H71 PE4 C . -10.29 -3.76 -3.75
H72 PE4 C . -11.78 -3.40 -2.86
H81 PE4 C . -11.18 -1.46 -5.00
H82 PE4 C . -9.96 -1.50 -3.70
H91 PE4 C . -10.49 -0.27 -1.85
H92 PE4 C . -11.19 -1.81 -1.34
H101 PE4 C . -13.41 -0.17 -1.60
H102 PE4 C . -12.18 0.92 -0.94
H111 PE4 C . -12.58 -0.18 2.22
H112 PE4 C . -12.65 1.20 1.12
H121 PE4 C . -10.35 -0.40 0.43
H122 PE4 C . -10.32 -0.09 2.17
H131 PE4 C . -10.48 2.22 2.90
H132 PE4 C . -9.69 3.34 1.78
H141 PE4 C . -7.64 2.26 1.93
H142 PE4 C . -8.37 0.71 2.37
H151 PE4 C . -9.33 3.70 4.32
H152 PE4 C . -7.77 4.03 3.58
H161 PE4 C . -8.33 3.14 6.42
H162 PE4 C . -6.71 3.04 5.70
H163 PE4 C . -7.51 4.62 5.88
ZN ZN D . 16.62 16.40 -7.04
O1 PE4 E . -8.44 13.03 -7.47
C1 PE4 E . -7.10 12.75 -7.14
C2 PE4 E . -6.89 11.24 -7.13
O2 PE4 E . -6.18 10.80 -8.27
C3 PE4 E . -5.79 9.45 -8.24
C4 PE4 E . -6.98 8.51 -8.00
O3 PE4 E . -6.71 7.16 -8.24
C5 PE4 E . -5.49 6.68 -7.77
C6 PE4 E . -5.39 6.80 -6.25
O4 PE4 E . -6.63 6.96 -5.63
C7 PE4 E . -6.53 7.22 -4.25
C8 PE4 E . -5.96 8.62 -3.96
O5 PE4 E . -6.89 9.41 -3.26
C9 PE4 E . -6.45 10.73 -3.03
C10 PE4 E . -7.53 11.50 -2.29
O6 PE4 E . -8.14 12.42 -3.15
C11 PE4 E . -7.52 13.68 -3.16
C12 PE4 E . -7.63 14.37 -1.79
O7 PE4 E . -8.53 15.44 -1.86
C13 PE4 E . -8.73 16.09 -0.64
C14 PE4 E . -9.73 17.23 -0.85
O8 PE4 E . -9.40 18.28 0.02
C15 PE4 E . -10.27 19.37 -0.07
C16 PE4 E . -9.60 20.61 0.53
HO1 PE4 E . -8.77 12.34 -8.02
H11 PE4 E . -6.88 13.16 -6.16
H12 PE4 E . -6.45 13.20 -7.87
H21 PE4 E . -7.85 10.74 -7.11
H22 PE4 E . -6.32 10.97 -6.24
H31 PE4 E . -5.06 9.31 -7.46
H32 PE4 E . -5.34 9.20 -9.20
H41 PE4 E . -7.79 8.82 -8.65
H42 PE4 E . -7.29 8.61 -6.97
H51 PE4 E . -4.68 7.26 -8.23
H52 PE4 E . -5.38 5.64 -8.05
H61 PE4 E . -4.76 7.64 -6.01
H62 PE4 E . -4.92 5.88 -5.87
H71 PE4 E . -5.89 6.48 -3.79
H72 PE4 E . -7.53 7.15 -3.82
H81 PE4 E . -5.72 9.10 -4.89
H82 PE4 E . -5.07 8.51 -3.36
H91 PE4 E . -6.25 11.20 -3.98
H92 PE4 E . -5.54 10.70 -2.44
H101 PE4 E . -7.09 12.02 -1.45
H102 PE4 E . -8.28 10.81 -1.92
H111 PE4 E . -7.99 14.30 -3.91
H112 PE4 E . -6.47 13.56 -3.41
H121 PE4 E . -6.65 14.73 -1.49
H122 PE4 E . -7.99 13.65 -1.06
H131 PE4 E . -7.79 16.49 -0.28
H132 PE4 E . -9.13 15.38 0.08
H141 PE4 E . -10.73 16.88 -0.63
H142 PE4 E . -9.68 17.57 -1.87
H151 PE4 E . -11.18 19.16 0.48
H152 PE4 E . -10.52 19.56 -1.11
H161 PE4 E . -8.54 20.61 0.26
H162 PE4 E . -9.70 20.58 1.61
H163 PE4 E . -10.08 21.50 0.15
ZN ZN F . -6.04 -20.33 11.05
SE SE G . -65.57 93.00 148.85
#